data_5DB1
#
_entry.id   5DB1
#
_cell.length_a   48.318
_cell.length_b   79.816
_cell.length_c   124.780
_cell.angle_alpha   90.000
_cell.angle_beta   90.000
_cell.angle_gamma   90.000
#
_symmetry.space_group_name_H-M   'P 21 21 21'
#
loop_
_entity.id
_entity.type
_entity.pdbx_description
1 polymer Menin
2 non-polymer 6-methoxy-5-[(4-{[6-(2,2,2-trifluoroethyl)thieno[2,3-d]pyrimidin-4-yl]amino}piperidin-1-yl)methyl]-1H-indole-2-carbonitrile
3 non-polymer 'DIMETHYL SULFOXIDE'
4 non-polymer 'SULFATE ION'
5 non-polymer 'TETRAETHYLENE GLYCOL'
6 water water
#
_entity_poly.entity_id   1
_entity_poly.type   'polypeptide(L)'
_entity_poly.pdbx_seq_one_letter_code
;GGSSSMGLKAAQKTLFPLRSIDDVVRLFAAELGREEPDLVLLSLVLGFVEHFLAVNRVGLTYFPVADLSIIAALYARFTA
QIRGAVDLSLYPREGGVSSRELVKKVSDVIWNSLSRSYFKDRAHIQSLFSFITGTKLDSSGVAFAVVGACQALGLRDVHL
ALSEDHAWVVFGPNGEQTAEVTWHGKGNEDRRGQTVNAGVAERSWLYLKGSYMRCDRKMEVAFMVCAINPSIDLHTDSLE
LLQLQQKLLWLLYDLGHLERYPMALGNLADLEELEPTPGRPDPLTLYHKGIASAKTYYRDEHIYPYMYLAGYHCRNRNVR
EALQAWADTATVIQDYNYCREDEEIYKEFFEVANDVIPNLLKEAASLLEAGSQGSALQDPECFAHLLRFYDGICKWEEGS
PTPVLHVGWATFLVQSLGRFEGQVRQKVRIVSVPAPAASPPPEGPVLTFQSEKMKGMKELLVATKINSSAIKLQLTAQSQ
VQMKKQKVS
;
_entity_poly.pdbx_strand_id   A
#
# COMPACT_ATOMS: atom_id res chain seq x y z
CA GLY A 7 31.22 -11.75 2.64
C GLY A 7 31.07 -10.37 2.01
N LEU A 8 31.16 -9.32 2.82
CA LEU A 8 31.11 -7.94 2.30
C LEU A 8 32.39 -7.64 1.57
N LYS A 9 32.30 -6.83 0.54
CA LYS A 9 33.43 -6.38 -0.22
C LYS A 9 34.04 -5.15 0.43
N ALA A 10 35.33 -4.95 0.16
CA ALA A 10 36.07 -3.90 0.81
C ALA A 10 35.44 -2.56 0.53
N ALA A 11 34.98 -2.33 -0.70
CA ALA A 11 34.37 -1.06 -1.10
C ALA A 11 33.07 -0.73 -0.36
N GLN A 12 32.35 -1.77 0.03
CA GLN A 12 31.15 -1.59 0.81
C GLN A 12 31.42 -1.18 2.24
N LYS A 13 32.63 -1.41 2.75
CA LYS A 13 32.92 -1.14 4.17
C LYS A 13 33.52 0.24 4.45
N THR A 14 33.96 0.94 3.42
CA THR A 14 34.74 2.19 3.57
C THR A 14 33.98 3.31 4.22
N LEU A 15 32.65 3.32 4.15
CA LEU A 15 31.87 4.39 4.81
C LEU A 15 31.61 4.22 6.28
N PHE A 16 31.92 3.05 6.83
CA PHE A 16 31.64 2.82 8.23
C PHE A 16 32.73 3.49 9.09
N PRO A 17 32.39 3.89 10.31
CA PRO A 17 31.08 3.73 10.96
C PRO A 17 30.09 4.78 10.48
N LEU A 18 28.82 4.43 10.47
CA LEU A 18 27.77 5.35 10.15
C LEU A 18 27.35 6.12 11.40
N ARG A 19 27.55 7.45 11.39
CA ARG A 19 27.38 8.23 12.61
C ARG A 19 26.21 9.18 12.57
N SER A 20 25.52 9.23 11.43
CA SER A 20 24.40 10.15 11.24
C SER A 20 23.44 9.64 10.15
N ILE A 21 22.31 10.29 10.05
CA ILE A 21 21.35 10.06 8.98
C ILE A 21 22.02 10.23 7.66
N ASP A 22 22.76 11.33 7.49
CA ASP A 22 23.42 11.56 6.23
C ASP A 22 24.45 10.47 5.89
N ASP A 23 25.11 9.89 6.89
CA ASP A 23 26.03 8.77 6.64
C ASP A 23 25.26 7.56 6.08
N VAL A 24 24.08 7.28 6.65
CA VAL A 24 23.22 6.21 6.10
C VAL A 24 22.80 6.51 4.68
N VAL A 25 22.41 7.76 4.41
CA VAL A 25 22.07 8.19 3.04
C VAL A 25 23.25 7.97 2.09
N ARG A 26 24.46 8.35 2.50
CA ARG A 26 25.68 8.03 1.70
C ARG A 26 25.88 6.58 1.36
N LEU A 27 25.60 5.72 2.34
CA LEU A 27 25.72 4.29 2.13
C LEU A 27 24.72 3.83 1.08
N PHE A 28 23.50 4.34 1.16
CA PHE A 28 22.47 3.96 0.20
C PHE A 28 22.84 4.49 -1.20
N ALA A 29 23.43 5.67 -1.23
CA ALA A 29 23.87 6.22 -2.51
C ALA A 29 24.94 5.36 -3.16
N ALA A 30 25.91 4.91 -2.36
CA ALA A 30 26.97 4.11 -2.87
C ALA A 30 26.42 2.77 -3.34
N GLU A 31 25.58 2.12 -2.54
CA GLU A 31 25.02 0.85 -2.96
C GLU A 31 24.19 0.96 -4.24
N LEU A 32 23.43 2.07 -4.33
CA LEU A 32 22.60 2.26 -5.51
C LEU A 32 23.41 2.60 -6.76
N GLY A 33 24.66 3.01 -6.59
CA GLY A 33 25.55 3.25 -7.73
C GLY A 33 26.25 1.97 -8.17
N ARG A 34 25.99 0.86 -7.47
CA ARG A 34 26.69 -0.37 -7.77
C ARG A 34 25.85 -1.17 -8.71
N GLU A 35 26.50 -2.13 -9.36
CA GLU A 35 25.83 -3.08 -10.23
C GLU A 35 24.56 -3.60 -9.57
N GLU A 36 24.67 -4.07 -8.33
CA GLU A 36 23.49 -4.59 -7.64
C GLU A 36 23.58 -4.06 -6.21
N PRO A 37 22.65 -3.21 -5.77
CA PRO A 37 22.75 -2.89 -4.38
C PRO A 37 22.56 -4.09 -3.46
N ASP A 38 23.30 -4.09 -2.34
CA ASP A 38 23.26 -5.20 -1.43
C ASP A 38 22.05 -5.10 -0.49
N LEU A 39 20.99 -5.89 -0.75
CA LEU A 39 19.78 -5.80 0.03
C LEU A 39 19.96 -6.22 1.51
N VAL A 40 20.78 -7.23 1.70
CA VAL A 40 21.06 -7.74 3.05
C VAL A 40 21.73 -6.64 3.90
N LEU A 41 22.80 -6.05 3.35
CA LEU A 41 23.50 -4.96 4.03
C LEU A 41 22.55 -3.81 4.41
N LEU A 42 21.77 -3.37 3.43
CA LEU A 42 20.96 -2.19 3.60
C LEU A 42 19.86 -2.42 4.60
N SER A 43 19.26 -3.61 4.54
CA SER A 43 18.17 -3.93 5.49
C SER A 43 18.67 -4.11 6.92
N LEU A 44 19.88 -4.68 7.04
CA LEU A 44 20.52 -4.81 8.33
C LEU A 44 20.80 -3.44 8.93
N VAL A 45 21.32 -2.49 8.13
CA VAL A 45 21.54 -1.11 8.60
C VAL A 45 20.25 -0.43 8.99
N LEU A 46 19.21 -0.51 8.15
CA LEU A 46 17.98 0.14 8.49
C LEU A 46 17.38 -0.45 9.75
N GLY A 47 17.44 -1.76 9.91
CA GLY A 47 16.81 -2.38 11.06
C GLY A 47 17.58 -2.04 12.33
N PHE A 48 18.92 -1.96 12.20
CA PHE A 48 19.74 -1.53 13.30
C PHE A 48 19.35 -0.13 13.77
N VAL A 49 19.36 0.81 12.84
CA VAL A 49 19.02 2.19 13.22
C VAL A 49 17.59 2.34 13.72
N GLU A 50 16.63 1.67 13.11
CA GLU A 50 15.24 1.68 13.58
C GLU A 50 15.12 1.08 14.98
N HIS A 51 15.89 0.03 15.23
CA HIS A 51 15.79 -0.61 16.55
C HIS A 51 16.24 0.44 17.63
N PHE A 52 17.37 1.08 17.38
CA PHE A 52 17.92 2.03 18.36
C PHE A 52 17.34 3.43 18.30
N LEU A 53 16.41 3.70 17.38
CA LEU A 53 15.70 4.97 17.35
C LEU A 53 14.23 4.83 17.70
N ALA A 54 13.62 3.65 17.52
CA ALA A 54 12.20 3.46 17.81
C ALA A 54 11.88 2.35 18.81
N VAL A 55 12.68 1.28 18.87
CA VAL A 55 12.38 0.17 19.78
C VAL A 55 12.98 0.42 21.12
N ASN A 56 14.22 0.84 21.15
CA ASN A 56 14.92 1.08 22.41
C ASN A 56 15.87 2.26 22.31
N ARG A 57 15.42 3.42 22.81
CA ARG A 57 16.18 4.68 22.73
C ARG A 57 17.04 4.94 23.99
N VAL A 58 17.21 3.96 24.84
CA VAL A 58 18.08 4.13 25.97
C VAL A 58 19.52 4.44 25.58
N GLY A 59 20.03 5.55 26.08
CA GLY A 59 21.41 5.86 25.80
C GLY A 59 21.66 6.70 24.57
N LEU A 60 20.62 6.97 23.85
CA LEU A 60 20.65 7.74 22.61
C LEU A 60 21.03 9.19 22.92
N THR A 61 22.01 9.70 22.21
CA THR A 61 22.42 11.06 22.35
C THR A 61 22.29 11.85 21.08
N TYR A 62 22.33 11.17 19.94
CA TYR A 62 22.09 11.83 18.68
C TYR A 62 21.73 10.79 17.64
N PHE A 63 22.62 9.81 17.40
CA PHE A 63 22.34 8.81 16.37
C PHE A 63 23.02 7.53 16.76
N PRO A 64 22.35 6.37 16.53
CA PRO A 64 22.99 5.14 16.97
C PRO A 64 24.07 4.76 16.02
N VAL A 65 25.32 4.87 16.45
CA VAL A 65 26.44 4.63 15.57
C VAL A 65 26.48 3.18 15.11
N ALA A 66 26.55 2.97 13.78
CA ALA A 66 26.66 1.64 13.21
C ALA A 66 28.10 1.32 12.86
N ASP A 67 28.76 0.62 13.78
CA ASP A 67 30.09 0.14 13.59
C ASP A 67 30.07 -1.02 12.64
N LEU A 68 31.12 -1.07 11.83
CA LEU A 68 31.29 -2.14 10.91
C LEU A 68 31.37 -3.48 11.61
N SER A 69 32.01 -3.55 12.78
CA SER A 69 32.21 -4.84 13.38
C SER A 69 30.82 -5.46 13.70
N ILE A 70 29.89 -4.60 14.11
CA ILE A 70 28.53 -4.98 14.46
C ILE A 70 27.70 -5.41 13.21
N ILE A 71 27.78 -4.59 12.15
CA ILE A 71 26.97 -4.82 10.95
C ILE A 71 27.54 -6.02 10.22
N ALA A 72 28.86 -6.13 10.17
CA ALA A 72 29.49 -7.29 9.51
C ALA A 72 29.19 -8.59 10.25
N ALA A 73 29.03 -8.51 11.56
CA ALA A 73 28.73 -9.74 12.31
C ALA A 73 27.28 -10.17 12.03
N LEU A 74 26.38 -9.20 11.96
CA LEU A 74 24.97 -9.50 11.64
C LEU A 74 24.89 -10.09 10.23
N TYR A 75 25.63 -9.51 9.30
CA TYR A 75 25.64 -9.94 7.89
C TYR A 75 26.18 -11.36 7.76
N ALA A 76 27.24 -11.66 8.52
CA ALA A 76 27.75 -13.00 8.60
C ALA A 76 26.78 -14.01 9.17
N ARG A 77 25.98 -13.64 10.18
N ARG A 77 26.01 -13.67 10.19
CA ARG A 77 24.95 -14.53 10.74
CA ARG A 77 25.02 -14.60 10.67
C ARG A 77 23.87 -14.87 9.69
C ARG A 77 24.06 -14.90 9.52
N PHE A 78 23.49 -13.86 8.90
CA PHE A 78 22.54 -14.09 7.83
C PHE A 78 23.10 -15.01 6.74
N THR A 79 24.21 -14.63 6.17
CA THR A 79 24.76 -15.37 5.04
C THR A 79 25.15 -16.79 5.42
N ALA A 80 25.67 -16.98 6.64
CA ALA A 80 25.99 -18.30 7.14
C ALA A 80 24.76 -19.17 7.22
N GLN A 81 23.67 -18.61 7.77
CA GLN A 81 22.43 -19.33 7.98
C GLN A 81 21.86 -19.80 6.61
N ILE A 82 21.90 -18.90 5.62
CA ILE A 82 21.35 -19.17 4.30
C ILE A 82 22.19 -20.20 3.56
N ARG A 83 23.48 -20.00 3.54
CA ARG A 83 24.39 -20.84 2.75
C ARG A 83 24.46 -22.23 3.31
N GLY A 84 24.43 -22.32 4.63
CA GLY A 84 24.43 -23.61 5.30
C GLY A 84 23.18 -24.44 5.04
N ALA A 85 22.01 -23.80 4.95
CA ALA A 85 20.74 -24.51 4.92
C ALA A 85 20.24 -24.77 3.49
N VAL A 86 20.71 -23.95 2.55
CA VAL A 86 20.39 -24.06 1.13
C VAL A 86 21.65 -24.51 0.37
N ASP A 87 21.66 -25.77 -0.02
CA ASP A 87 22.72 -26.30 -0.84
C ASP A 87 22.33 -26.18 -2.32
N LEU A 88 22.92 -25.21 -2.99
CA LEU A 88 22.67 -24.94 -4.41
C LEU A 88 22.97 -26.05 -5.38
N SER A 89 23.95 -26.89 -5.05
CA SER A 89 24.30 -28.01 -5.90
C SER A 89 23.17 -28.99 -6.07
N LEU A 90 22.20 -28.98 -5.16
CA LEU A 90 21.08 -29.87 -5.29
C LEU A 90 20.08 -29.36 -6.32
N TYR A 91 20.22 -28.09 -6.71
CA TYR A 91 19.26 -27.38 -7.61
C TYR A 91 19.97 -26.71 -8.77
N PRO A 92 20.46 -27.50 -9.75
CA PRO A 92 21.27 -26.92 -10.84
C PRO A 92 20.52 -25.81 -11.58
N ARG A 93 21.21 -24.72 -11.94
CA ARG A 93 20.57 -23.58 -12.61
C ARG A 93 20.74 -23.65 -14.13
N GLU A 94 19.73 -24.21 -14.79
CA GLU A 94 19.68 -24.27 -16.24
C GLU A 94 19.36 -22.88 -16.77
N GLY A 95 20.38 -22.14 -17.22
CA GLY A 95 20.17 -20.86 -17.93
C GLY A 95 20.54 -19.57 -17.22
N GLY A 96 21.23 -19.70 -16.09
CA GLY A 96 21.41 -18.58 -15.19
C GLY A 96 20.08 -18.15 -14.56
N VAL A 97 19.09 -19.06 -14.56
CA VAL A 97 17.82 -18.84 -13.85
C VAL A 97 17.46 -19.95 -12.84
N SER A 98 16.72 -19.54 -11.81
CA SER A 98 16.40 -20.35 -10.69
C SER A 98 15.21 -21.25 -10.99
N SER A 99 15.09 -22.31 -10.22
CA SER A 99 13.96 -23.21 -10.31
C SER A 99 12.92 -22.92 -9.22
N ARG A 100 11.72 -23.40 -9.43
CA ARG A 100 10.69 -23.36 -8.42
C ARG A 100 11.08 -24.07 -7.13
N GLU A 101 11.76 -25.22 -7.25
CA GLU A 101 12.18 -25.96 -6.07
C GLU A 101 13.18 -25.15 -5.26
N LEU A 102 14.06 -24.45 -5.95
CA LEU A 102 15.09 -23.66 -5.26
C LEU A 102 14.44 -22.52 -4.52
N VAL A 103 13.54 -21.83 -5.19
CA VAL A 103 12.82 -20.71 -4.56
C VAL A 103 12.06 -21.22 -3.36
N LYS A 104 11.39 -22.38 -3.51
CA LYS A 104 10.64 -22.97 -2.36
C LYS A 104 11.53 -23.31 -1.18
N LYS A 105 12.73 -23.80 -1.48
CA LYS A 105 13.66 -24.19 -0.42
C LYS A 105 14.09 -22.95 0.37
N VAL A 106 14.41 -21.86 -0.32
CA VAL A 106 14.75 -20.60 0.34
C VAL A 106 13.61 -20.09 1.23
N SER A 107 12.38 -20.06 0.70
CA SER A 107 11.23 -19.77 1.50
C SER A 107 11.10 -20.67 2.76
N ASP A 108 11.23 -21.99 2.59
CA ASP A 108 11.16 -22.90 3.74
C ASP A 108 12.21 -22.56 4.81
N VAL A 109 13.41 -22.26 4.33
CA VAL A 109 14.51 -21.89 5.23
C VAL A 109 14.19 -20.68 6.09
N ILE A 110 13.70 -19.61 5.45
CA ILE A 110 13.33 -18.42 6.17
C ILE A 110 12.20 -18.75 7.13
N TRP A 111 11.14 -19.39 6.63
CA TRP A 111 9.99 -19.74 7.47
C TRP A 111 10.40 -20.58 8.68
N ASN A 112 11.22 -21.59 8.43
CA ASN A 112 11.58 -22.51 9.51
C ASN A 112 12.47 -21.84 10.55
N SER A 113 13.12 -20.72 10.19
CA SER A 113 13.95 -19.95 11.15
C SER A 113 13.13 -19.11 12.13
N LEU A 114 11.84 -18.90 11.87
CA LEU A 114 11.03 -17.95 12.64
C LEU A 114 10.54 -18.57 13.96
N SER A 115 10.43 -17.75 14.99
CA SER A 115 9.78 -18.13 16.24
C SER A 115 8.42 -18.73 15.92
N ARG A 116 8.10 -19.81 16.65
CA ARG A 116 6.83 -20.57 16.48
C ARG A 116 5.59 -19.68 16.69
N SER A 117 5.65 -18.85 17.72
CA SER A 117 4.53 -18.01 18.12
C SER A 117 5.01 -16.58 18.38
N TYR A 118 4.37 -15.61 17.70
CA TYR A 118 4.52 -14.18 18.04
C TYR A 118 3.41 -13.31 17.44
N PHE A 119 3.31 -12.03 17.81
CA PHE A 119 2.33 -11.12 17.19
C PHE A 119 2.87 -10.73 15.82
N LYS A 120 2.22 -11.23 14.77
CA LYS A 120 2.71 -11.13 13.39
C LYS A 120 2.55 -9.72 12.81
N ASP A 121 1.79 -8.91 13.53
CA ASP A 121 1.36 -7.58 13.12
C ASP A 121 2.07 -6.49 13.89
N ARG A 122 3.13 -6.81 14.62
CA ARG A 122 3.83 -5.83 15.41
C ARG A 122 4.54 -4.88 14.47
N ALA A 123 4.89 -3.73 15.01
CA ALA A 123 5.81 -2.81 14.37
C ALA A 123 7.25 -3.34 14.51
N HIS A 124 8.10 -2.96 13.58
CA HIS A 124 9.53 -3.16 13.66
C HIS A 124 9.93 -4.64 13.54
N ILE A 125 9.14 -5.44 12.84
CA ILE A 125 9.57 -6.82 12.51
C ILE A 125 9.68 -7.05 11.01
N GLN A 126 9.98 -5.98 10.28
CA GLN A 126 10.05 -6.03 8.78
C GLN A 126 11.42 -6.32 8.21
N SER A 127 12.47 -6.09 9.00
CA SER A 127 13.84 -6.08 8.50
C SER A 127 14.63 -7.31 8.81
N LEU A 128 15.78 -7.44 8.12
CA LEU A 128 16.67 -8.57 8.42
C LEU A 128 17.30 -8.46 9.82
N PHE A 129 17.37 -7.25 10.36
CA PHE A 129 17.77 -7.08 11.74
C PHE A 129 16.81 -7.80 12.68
N SER A 130 15.50 -7.68 12.46
CA SER A 130 14.50 -8.41 13.23
C SER A 130 14.62 -9.91 13.03
N PHE A 131 14.91 -10.34 11.80
CA PHE A 131 15.02 -11.75 11.50
C PHE A 131 16.17 -12.40 12.26
N ILE A 132 17.32 -11.73 12.27
CA ILE A 132 18.51 -12.24 12.96
C ILE A 132 18.44 -12.13 14.49
N THR A 133 18.02 -10.98 15.00
CA THR A 133 18.10 -10.75 16.45
C THR A 133 16.84 -11.24 17.18
N GLY A 134 15.72 -11.29 16.47
CA GLY A 134 14.48 -11.68 17.12
C GLY A 134 13.80 -12.89 16.54
N THR A 135 14.33 -13.45 15.47
CA THR A 135 13.65 -14.54 14.72
C THR A 135 12.17 -14.27 14.46
N LYS A 136 11.88 -13.02 14.08
CA LYS A 136 10.55 -12.59 13.76
C LYS A 136 10.52 -11.73 12.49
N LEU A 137 9.52 -11.99 11.65
CA LEU A 137 9.24 -11.21 10.49
C LEU A 137 7.73 -11.11 10.27
N ASP A 138 7.30 -9.97 9.74
CA ASP A 138 5.91 -9.81 9.28
C ASP A 138 5.78 -10.42 7.89
N SER A 139 4.56 -10.49 7.38
CA SER A 139 4.27 -11.21 6.13
C SER A 139 5.19 -10.81 4.97
N SER A 140 5.17 -9.54 4.63
CA SER A 140 5.92 -9.09 3.49
C SER A 140 7.40 -9.09 3.82
N GLY A 141 7.76 -9.01 5.09
CA GLY A 141 9.17 -9.15 5.49
C GLY A 141 9.75 -10.53 5.14
N VAL A 142 8.96 -11.58 5.26
CA VAL A 142 9.36 -12.93 4.80
C VAL A 142 9.68 -12.89 3.30
N ALA A 143 8.80 -12.34 2.50
CA ALA A 143 9.06 -12.25 1.04
C ALA A 143 10.34 -11.44 0.72
N PHE A 144 10.55 -10.31 1.41
CA PHE A 144 11.77 -9.53 1.25
C PHE A 144 12.99 -10.36 1.64
N ALA A 145 12.90 -11.08 2.76
CA ALA A 145 14.03 -11.90 3.23
C ALA A 145 14.37 -12.99 2.24
N VAL A 146 13.33 -13.56 1.62
CA VAL A 146 13.58 -14.61 0.57
C VAL A 146 14.37 -13.96 -0.59
N VAL A 147 14.01 -12.73 -0.99
CA VAL A 147 14.71 -12.06 -2.08
C VAL A 147 16.15 -11.72 -1.68
N GLY A 148 16.33 -11.26 -0.45
CA GLY A 148 17.64 -10.96 0.06
C GLY A 148 18.52 -12.20 0.09
N ALA A 149 17.97 -13.30 0.56
CA ALA A 149 18.67 -14.57 0.67
C ALA A 149 19.05 -15.08 -0.73
N CYS A 150 18.10 -15.02 -1.66
CA CYS A 150 18.39 -15.32 -3.06
C CYS A 150 19.53 -14.45 -3.64
N GLN A 151 19.53 -13.15 -3.42
CA GLN A 151 20.64 -12.34 -3.90
C GLN A 151 21.97 -12.82 -3.28
N ALA A 152 21.95 -13.13 -2.00
CA ALA A 152 23.15 -13.51 -1.30
C ALA A 152 23.67 -14.82 -1.89
N LEU A 153 22.75 -15.64 -2.39
CA LEU A 153 23.11 -16.91 -3.03
C LEU A 153 23.55 -16.77 -4.47
N GLY A 154 23.54 -15.55 -5.04
CA GLY A 154 23.82 -15.30 -6.43
C GLY A 154 22.69 -15.49 -7.43
N LEU A 155 21.45 -15.57 -6.95
CA LEU A 155 20.29 -15.86 -7.79
C LEU A 155 19.67 -14.55 -8.31
N ARG A 156 20.31 -14.03 -9.33
CA ARG A 156 20.05 -12.68 -9.79
C ARG A 156 18.65 -12.51 -10.42
N ASP A 157 17.97 -13.62 -10.74
CA ASP A 157 16.68 -13.56 -11.36
C ASP A 157 15.53 -13.46 -10.38
N VAL A 158 15.77 -13.70 -9.09
CA VAL A 158 14.66 -13.80 -8.13
C VAL A 158 14.41 -12.37 -7.64
N HIS A 159 13.18 -11.89 -7.82
CA HIS A 159 12.81 -10.52 -7.49
C HIS A 159 11.49 -10.46 -6.74
N LEU A 160 11.33 -9.37 -5.99
CA LEU A 160 10.15 -9.14 -5.18
C LEU A 160 8.97 -8.67 -6.06
N ALA A 161 7.79 -9.24 -5.85
CA ALA A 161 6.57 -8.79 -6.53
C ALA A 161 5.63 -8.27 -5.43
N LEU A 162 4.92 -7.21 -5.72
CA LEU A 162 4.12 -6.51 -4.76
C LEU A 162 2.77 -6.11 -5.34
N SER A 163 1.69 -6.42 -4.65
CA SER A 163 0.44 -5.79 -4.87
C SER A 163 0.24 -4.71 -3.78
N GLU A 164 -1.00 -4.25 -3.64
CA GLU A 164 -1.29 -3.25 -2.67
C GLU A 164 -1.50 -3.85 -1.27
N ASP A 165 -1.62 -5.17 -1.19
CA ASP A 165 -1.78 -5.80 0.12
C ASP A 165 -1.16 -7.19 0.20
N HIS A 166 -0.15 -7.46 -0.61
CA HIS A 166 0.53 -8.75 -0.58
C HIS A 166 1.87 -8.72 -1.26
N ALA A 167 2.70 -9.72 -1.05
CA ALA A 167 4.01 -9.82 -1.62
C ALA A 167 4.37 -11.27 -1.94
N TRP A 168 5.11 -11.44 -3.01
CA TRP A 168 5.59 -12.73 -3.46
C TRP A 168 6.83 -12.56 -4.31
N VAL A 169 7.34 -13.62 -4.96
CA VAL A 169 8.48 -13.46 -5.85
C VAL A 169 8.26 -13.82 -7.32
N VAL A 170 9.03 -13.17 -8.16
CA VAL A 170 9.12 -13.58 -9.56
C VAL A 170 10.51 -14.12 -9.83
N PHE A 171 10.63 -15.02 -10.78
CA PHE A 171 11.89 -15.66 -11.06
C PHE A 171 11.81 -16.42 -12.38
N GLY A 172 12.91 -17.07 -12.74
CA GLY A 172 12.96 -18.01 -13.83
C GLY A 172 13.10 -17.42 -15.21
N PRO A 173 12.84 -18.26 -16.21
CA PRO A 173 13.00 -17.81 -17.59
C PRO A 173 12.27 -16.51 -17.82
N ASN A 174 12.98 -15.52 -18.30
CA ASN A 174 12.41 -14.20 -18.49
C ASN A 174 11.72 -13.58 -17.26
N GLY A 175 12.05 -14.00 -16.05
CA GLY A 175 11.33 -13.54 -14.89
C GLY A 175 9.81 -13.76 -14.94
N GLU A 176 9.41 -14.77 -15.66
CA GLU A 176 7.99 -14.94 -15.94
C GLU A 176 7.24 -15.79 -14.94
N GLN A 177 7.97 -16.54 -14.11
CA GLN A 177 7.36 -17.37 -13.10
C GLN A 177 7.03 -16.59 -11.86
N THR A 178 5.94 -17.01 -11.19
CA THR A 178 5.61 -16.45 -9.90
C THR A 178 5.61 -17.53 -8.86
N ALA A 179 5.99 -17.17 -7.63
CA ALA A 179 5.82 -18.07 -6.51
C ALA A 179 5.41 -17.38 -5.24
N GLU A 180 4.43 -17.94 -4.58
CA GLU A 180 4.11 -17.56 -3.20
C GLU A 180 5.18 -18.00 -2.26
N VAL A 181 5.58 -17.13 -1.35
CA VAL A 181 6.61 -17.46 -0.38
C VAL A 181 6.27 -17.15 1.06
N THR A 182 5.24 -16.34 1.27
CA THR A 182 4.76 -15.98 2.57
C THR A 182 3.26 -16.15 2.71
N TRP A 183 2.74 -15.81 3.86
CA TRP A 183 1.33 -15.93 4.15
C TRP A 183 0.66 -14.62 3.83
N HIS A 184 -0.66 -14.65 3.74
CA HIS A 184 -1.40 -13.41 3.61
C HIS A 184 -2.53 -13.40 4.64
N GLY A 185 -2.69 -12.27 5.32
CA GLY A 185 -3.82 -12.02 6.18
C GLY A 185 -3.61 -12.84 7.42
N LYS A 186 -4.67 -13.52 7.84
CA LYS A 186 -4.68 -14.33 9.07
C LYS A 186 -5.79 -15.36 8.93
N GLY A 187 -5.42 -16.62 8.75
CA GLY A 187 -6.40 -17.70 8.60
C GLY A 187 -6.37 -18.31 7.21
N ASN A 188 -5.99 -17.49 6.23
CA ASN A 188 -5.76 -17.99 4.89
C ASN A 188 -4.92 -19.24 4.99
N GLU A 189 -5.40 -20.33 4.38
CA GLU A 189 -4.56 -21.50 4.14
C GLU A 189 -3.63 -21.02 3.05
N ASP A 190 -2.33 -21.09 3.29
CA ASP A 190 -1.34 -20.52 2.35
C ASP A 190 -1.21 -21.40 1.12
N ARG A 191 -0.72 -20.81 0.03
CA ARG A 191 -0.46 -21.52 -1.22
C ARG A 191 1.05 -21.53 -1.52
N ARG A 192 1.87 -21.63 -0.47
CA ARG A 192 3.29 -21.42 -0.62
C ARG A 192 3.82 -22.34 -1.69
N GLY A 193 4.61 -21.79 -2.60
CA GLY A 193 5.22 -22.60 -3.66
C GLY A 193 4.47 -22.51 -4.96
N GLN A 194 3.18 -22.14 -4.91
CA GLN A 194 2.28 -22.03 -6.10
C GLN A 194 2.43 -20.69 -6.83
N THR A 195 1.85 -20.60 -8.02
CA THR A 195 1.76 -19.34 -8.78
C THR A 195 0.67 -18.46 -8.23
N VAL A 196 0.61 -17.23 -8.72
CA VAL A 196 -0.44 -16.34 -8.38
C VAL A 196 -1.51 -16.33 -9.50
N ASN A 197 -1.43 -17.25 -10.45
CA ASN A 197 -2.29 -17.13 -11.63
C ASN A 197 -3.76 -17.33 -11.38
N ALA A 198 -4.15 -18.14 -10.40
CA ALA A 198 -5.59 -18.23 -10.04
C ALA A 198 -6.13 -16.91 -9.50
N GLY A 199 -5.31 -16.26 -8.68
CA GLY A 199 -5.73 -14.95 -8.15
C GLY A 199 -5.83 -13.89 -9.23
N VAL A 200 -4.86 -13.87 -10.17
CA VAL A 200 -4.93 -13.02 -11.33
C VAL A 200 -6.21 -13.29 -12.14
N ALA A 201 -6.46 -14.56 -12.44
CA ALA A 201 -7.60 -14.95 -13.24
C ALA A 201 -8.93 -14.55 -12.58
N GLU A 202 -9.03 -14.57 -11.26
CA GLU A 202 -10.34 -14.24 -10.66
C GLU A 202 -10.55 -12.75 -10.50
N ARG A 203 -9.57 -11.94 -10.91
CA ARG A 203 -9.68 -10.47 -10.94
C ARG A 203 -9.91 -9.93 -9.53
N SER A 204 -9.29 -10.54 -8.53
CA SER A 204 -9.26 -9.97 -7.19
C SER A 204 -8.37 -8.75 -7.11
N TRP A 205 -8.68 -7.88 -6.18
CA TRP A 205 -7.79 -6.74 -5.95
C TRP A 205 -6.42 -7.20 -5.47
N LEU A 206 -6.40 -8.24 -4.67
CA LEU A 206 -5.15 -8.74 -4.11
C LEU A 206 -4.03 -9.00 -5.14
N TYR A 207 -4.40 -9.47 -6.34
CA TYR A 207 -3.43 -9.72 -7.40
C TYR A 207 -3.43 -8.72 -8.57
N LEU A 208 -4.25 -7.69 -8.44
CA LEU A 208 -4.30 -6.53 -9.30
C LEU A 208 -4.52 -6.83 -10.79
N LYS A 209 -5.22 -7.90 -11.11
CA LYS A 209 -5.45 -8.33 -12.50
C LYS A 209 -4.12 -8.49 -13.23
N GLY A 210 -3.06 -8.75 -12.45
CA GLY A 210 -1.75 -8.98 -13.01
C GLY A 210 -0.93 -7.71 -13.17
N SER A 211 -1.51 -6.58 -12.79
CA SER A 211 -0.80 -5.27 -12.85
C SER A 211 -0.12 -4.95 -11.54
N TYR A 212 0.54 -5.94 -10.98
CA TYR A 212 1.31 -5.79 -9.75
C TYR A 212 2.72 -5.36 -10.11
N MET A 213 3.47 -4.96 -9.11
CA MET A 213 4.83 -4.47 -9.30
C MET A 213 5.75 -5.66 -9.39
N ARG A 214 6.58 -5.68 -10.46
CA ARG A 214 7.71 -6.58 -10.58
C ARG A 214 8.96 -5.78 -10.31
N CYS A 215 9.51 -5.93 -9.13
CA CYS A 215 10.64 -5.08 -8.71
C CYS A 215 11.93 -5.45 -9.40
N ASP A 216 12.73 -4.44 -9.70
CA ASP A 216 14.15 -4.66 -9.95
C ASP A 216 14.87 -4.43 -8.59
N ARG A 217 16.18 -4.58 -8.55
CA ARG A 217 16.88 -4.42 -7.30
C ARG A 217 16.72 -3.03 -6.70
N LYS A 218 16.63 -2.02 -7.54
CA LYS A 218 16.48 -0.65 -7.06
C LYS A 218 15.12 -0.43 -6.41
N MET A 219 14.07 -0.99 -6.98
CA MET A 219 12.76 -0.97 -6.40
C MET A 219 12.66 -1.78 -5.11
N GLU A 220 13.45 -2.85 -4.98
CA GLU A 220 13.52 -3.57 -3.73
C GLU A 220 14.14 -2.73 -2.62
N VAL A 221 15.11 -1.89 -2.97
CA VAL A 221 15.61 -0.92 -2.01
C VAL A 221 14.53 0.09 -1.65
N ALA A 222 13.78 0.57 -2.64
CA ALA A 222 12.67 1.50 -2.35
C ALA A 222 11.63 0.84 -1.42
N PHE A 223 11.38 -0.43 -1.62
CA PHE A 223 10.44 -1.14 -0.73
C PHE A 223 10.95 -1.12 0.72
N MET A 224 12.22 -1.44 0.96
CA MET A 224 12.73 -1.43 2.35
C MET A 224 12.69 -0.06 3.02
N VAL A 225 12.86 0.97 2.21
CA VAL A 225 12.75 2.34 2.68
C VAL A 225 11.29 2.72 3.02
N CYS A 226 10.32 2.36 2.16
CA CYS A 226 8.92 2.51 2.52
C CYS A 226 8.64 1.73 3.77
N ALA A 227 9.30 0.59 3.92
CA ALA A 227 9.03 -0.29 5.06
C ALA A 227 9.63 0.23 6.38
N ILE A 228 10.44 1.30 6.34
CA ILE A 228 10.89 1.89 7.61
C ILE A 228 9.62 2.24 8.37
N ASN A 229 9.65 2.00 9.68
CA ASN A 229 8.51 2.33 10.54
C ASN A 229 8.95 3.29 11.63
N PRO A 230 8.71 4.56 11.43
CA PRO A 230 9.17 5.55 12.43
C PRO A 230 8.44 5.56 13.77
N SER A 231 7.40 4.75 13.91
CA SER A 231 6.54 4.88 15.09
C SER A 231 7.21 4.39 16.36
N ILE A 232 7.23 5.25 17.37
CA ILE A 232 7.75 4.82 18.67
C ILE A 232 6.62 4.18 19.48
N ASP A 233 5.48 4.85 19.50
CA ASP A 233 4.25 4.30 20.02
C ASP A 233 3.10 4.95 19.28
N LEU A 234 1.85 4.68 19.71
CA LEU A 234 0.65 5.20 19.03
C LEU A 234 0.67 6.72 18.94
N HIS A 235 1.36 7.39 19.87
CA HIS A 235 1.37 8.87 19.99
C HIS A 235 2.51 9.58 19.31
N THR A 236 3.59 8.84 19.04
CA THR A 236 4.91 9.41 18.92
C THR A 236 5.68 8.76 17.80
N ASP A 237 6.20 9.58 16.89
CA ASP A 237 7.12 9.12 15.86
C ASP A 237 8.53 9.61 16.12
N SER A 238 9.48 8.81 15.69
CA SER A 238 10.88 9.20 15.68
C SER A 238 11.13 10.22 14.56
N LEU A 239 11.51 11.44 14.97
CA LEU A 239 11.87 12.46 14.03
C LEU A 239 13.05 12.04 13.17
N GLU A 240 14.01 11.32 13.78
CA GLU A 240 15.18 10.89 13.13
C GLU A 240 14.85 9.88 12.00
N LEU A 241 13.91 8.99 12.28
CA LEU A 241 13.51 7.98 11.27
C LEU A 241 12.66 8.63 10.19
N LEU A 242 11.79 9.55 10.56
CA LEU A 242 11.05 10.27 9.55
C LEU A 242 12.01 10.95 8.61
N GLN A 243 13.03 11.64 9.16
CA GLN A 243 13.99 12.34 8.32
C GLN A 243 14.79 11.39 7.44
N LEU A 244 15.27 10.28 8.03
CA LEU A 244 16.01 9.27 7.25
C LEU A 244 15.15 8.73 6.08
N GLN A 245 13.91 8.36 6.36
CA GLN A 245 13.03 7.80 5.33
C GLN A 245 12.79 8.84 4.22
N GLN A 246 12.53 10.08 4.62
CA GLN A 246 12.31 11.17 3.66
C GLN A 246 13.54 11.36 2.75
N LYS A 247 14.71 11.49 3.36
CA LYS A 247 15.95 11.67 2.61
C LYS A 247 16.23 10.50 1.68
N LEU A 248 15.94 9.28 2.15
CA LEU A 248 16.17 8.10 1.35
C LEU A 248 15.19 8.04 0.18
N LEU A 249 13.95 8.40 0.44
CA LEU A 249 12.99 8.50 -0.66
C LEU A 249 13.35 9.58 -1.68
N TRP A 250 13.88 10.74 -1.25
CA TRP A 250 14.37 11.72 -2.22
C TRP A 250 15.53 11.23 -3.06
N LEU A 251 16.49 10.49 -2.44
CA LEU A 251 17.59 9.91 -3.19
C LEU A 251 17.11 8.98 -4.28
N LEU A 252 16.21 8.05 -3.92
CA LEU A 252 15.63 7.14 -4.89
C LEU A 252 14.89 7.91 -5.98
N TYR A 253 14.16 8.93 -5.59
CA TYR A 253 13.39 9.71 -6.54
C TYR A 253 14.32 10.29 -7.58
N ASP A 254 15.40 10.92 -7.11
CA ASP A 254 16.38 11.64 -7.96
C ASP A 254 17.08 10.72 -8.90
N LEU A 255 17.24 9.48 -8.51
CA LEU A 255 17.88 8.51 -9.35
C LEU A 255 16.93 7.77 -10.28
N GLY A 256 15.64 8.07 -10.19
CA GLY A 256 14.64 7.47 -11.07
C GLY A 256 13.96 6.20 -10.58
N HIS A 257 14.24 5.79 -9.35
CA HIS A 257 13.83 4.47 -8.87
C HIS A 257 12.42 4.46 -8.23
N LEU A 258 11.77 5.61 -8.14
CA LEU A 258 10.34 5.66 -7.77
C LEU A 258 9.40 5.77 -8.98
N GLU A 259 9.96 5.79 -10.19
CA GLU A 259 9.20 5.96 -11.45
C GLU A 259 8.05 4.99 -11.55
N ARG A 260 8.29 3.73 -11.18
CA ARG A 260 7.30 2.65 -11.22
C ARG A 260 6.77 2.21 -9.84
N TYR A 261 6.81 3.13 -8.88
CA TYR A 261 6.42 2.79 -7.51
C TYR A 261 5.44 3.84 -6.95
N PRO A 262 4.16 3.74 -7.37
CA PRO A 262 3.14 4.70 -6.93
C PRO A 262 3.05 4.90 -5.45
N MET A 263 3.06 3.83 -4.66
CA MET A 263 2.86 4.01 -3.22
C MET A 263 4.04 4.70 -2.56
N ALA A 264 5.25 4.51 -3.11
CA ALA A 264 6.45 5.18 -2.57
C ALA A 264 6.32 6.69 -2.74
N LEU A 265 5.72 7.09 -3.87
CA LEU A 265 5.48 8.54 -4.13
C LEU A 265 4.44 9.13 -3.16
N GLY A 266 3.39 8.36 -2.85
CA GLY A 266 2.46 8.76 -1.85
C GLY A 266 3.07 8.88 -0.46
N ASN A 267 3.91 7.90 -0.06
CA ASN A 267 4.64 7.97 1.22
C ASN A 267 5.49 9.23 1.29
N LEU A 268 6.14 9.56 0.20
CA LEU A 268 7.05 10.74 0.16
C LEU A 268 6.21 12.01 0.27
N ALA A 269 5.08 12.05 -0.45
CA ALA A 269 4.14 13.18 -0.32
C ALA A 269 3.63 13.40 1.12
N ASP A 270 3.25 12.30 1.78
CA ASP A 270 2.85 12.37 3.17
C ASP A 270 3.94 12.93 4.07
N LEU A 271 5.19 12.53 3.82
CA LEU A 271 6.32 13.02 4.61
C LEU A 271 6.55 14.54 4.37
N GLU A 272 6.43 14.94 3.12
CA GLU A 272 6.61 16.32 2.73
C GLU A 272 5.50 17.21 3.32
N GLU A 273 4.29 16.66 3.44
CA GLU A 273 3.19 17.40 4.06
C GLU A 273 3.53 17.64 5.52
N LEU A 274 4.07 16.63 6.17
CA LEU A 274 4.47 16.76 7.56
C LEU A 274 5.63 17.76 7.75
N GLU A 275 6.61 17.71 6.88
CA GLU A 275 7.81 18.56 7.00
C GLU A 275 8.41 18.81 5.63
N PRO A 276 8.01 19.91 4.99
CA PRO A 276 8.42 20.06 3.60
C PRO A 276 9.89 20.47 3.45
N THR A 277 10.49 19.95 2.39
CA THR A 277 11.88 20.16 2.07
C THR A 277 11.93 21.36 1.14
N PRO A 278 12.74 22.40 1.47
CA PRO A 278 12.74 23.55 0.57
C PRO A 278 13.21 23.15 -0.82
N GLY A 279 12.54 23.65 -1.84
CA GLY A 279 12.97 23.41 -3.19
C GLY A 279 12.41 22.17 -3.84
N ARG A 280 11.60 21.40 -3.12
CA ARG A 280 11.06 20.14 -3.63
C ARG A 280 9.58 20.34 -4.05
N PRO A 281 9.11 19.48 -4.92
CA PRO A 281 7.70 19.52 -5.31
C PRO A 281 6.80 19.46 -4.08
N ASP A 282 5.62 20.09 -4.20
N ASP A 282 5.63 20.12 -4.14
CA ASP A 282 4.56 19.99 -3.22
CA ASP A 282 4.67 20.06 -3.06
C ASP A 282 4.05 18.56 -3.03
C ASP A 282 3.95 18.71 -3.04
N PRO A 283 3.43 18.30 -1.88
CA PRO A 283 2.74 17.01 -1.75
C PRO A 283 1.76 16.72 -2.89
N LEU A 284 0.95 17.71 -3.28
CA LEU A 284 -0.04 17.48 -4.33
C LEU A 284 0.60 17.05 -5.61
N THR A 285 1.68 17.71 -6.01
CA THR A 285 2.41 17.31 -7.17
C THR A 285 2.88 15.83 -7.05
N LEU A 286 3.37 15.47 -5.87
CA LEU A 286 3.83 14.12 -5.64
C LEU A 286 2.71 13.10 -5.69
N TYR A 287 1.55 13.41 -5.09
CA TYR A 287 0.40 12.52 -5.19
C TYR A 287 0.02 12.31 -6.64
N HIS A 288 -0.01 13.39 -7.41
CA HIS A 288 -0.34 13.23 -8.84
C HIS A 288 0.70 12.48 -9.64
N LYS A 289 1.95 12.58 -9.24
CA LYS A 289 2.94 11.75 -9.88
C LYS A 289 2.71 10.26 -9.54
N GLY A 290 2.29 9.93 -8.32
CA GLY A 290 1.90 8.57 -7.99
C GLY A 290 0.80 8.04 -8.87
N ILE A 291 -0.23 8.87 -9.08
CA ILE A 291 -1.35 8.54 -9.96
C ILE A 291 -0.87 8.37 -11.40
N ALA A 292 -0.02 9.26 -11.88
CA ALA A 292 0.58 9.10 -13.22
C ALA A 292 1.41 7.84 -13.41
N SER A 293 2.19 7.50 -12.39
CA SER A 293 2.91 6.22 -12.41
C SER A 293 1.97 5.02 -12.57
N ALA A 294 0.91 4.99 -11.77
CA ALA A 294 -0.11 3.93 -11.87
C ALA A 294 -0.74 3.86 -13.28
N LYS A 295 -1.03 5.02 -13.84
CA LYS A 295 -1.69 5.07 -15.15
C LYS A 295 -0.69 4.62 -16.21
N THR A 296 0.59 4.93 -16.03
CA THR A 296 1.59 4.64 -17.05
C THR A 296 2.06 3.21 -17.06
N TYR A 297 2.34 2.66 -15.87
CA TYR A 297 2.92 1.33 -15.75
C TYR A 297 1.95 0.23 -15.35
N TYR A 298 0.84 0.59 -14.73
CA TYR A 298 -0.05 -0.38 -14.14
C TYR A 298 -1.47 -0.31 -14.62
N ARG A 299 -1.67 0.19 -15.84
CA ARG A 299 -3.01 0.29 -16.44
C ARG A 299 -4.08 1.00 -15.59
N ASP A 300 -3.62 1.88 -14.71
CA ASP A 300 -4.51 2.60 -13.80
C ASP A 300 -5.33 1.61 -12.98
N GLU A 301 -4.72 0.52 -12.54
CA GLU A 301 -5.48 -0.47 -11.81
C GLU A 301 -5.12 -0.51 -10.33
N HIS A 302 -4.56 0.58 -9.83
CA HIS A 302 -4.21 0.67 -8.41
C HIS A 302 -5.17 1.55 -7.66
N ILE A 303 -5.37 1.25 -6.39
CA ILE A 303 -6.32 2.01 -5.57
C ILE A 303 -5.63 3.05 -4.72
N TYR A 304 -4.49 2.71 -4.14
CA TYR A 304 -3.89 3.63 -3.19
C TYR A 304 -3.43 4.98 -3.74
N PRO A 305 -3.08 5.07 -5.03
CA PRO A 305 -2.65 6.39 -5.47
C PRO A 305 -3.78 7.43 -5.28
N TYR A 306 -5.01 7.01 -5.52
CA TYR A 306 -6.14 7.90 -5.30
C TYR A 306 -6.50 8.04 -3.83
N MET A 307 -6.33 6.97 -3.04
CA MET A 307 -6.63 7.07 -1.62
C MET A 307 -5.64 7.99 -0.95
N TYR A 308 -4.37 7.98 -1.38
CA TYR A 308 -3.38 8.87 -0.74
C TYR A 308 -3.83 10.32 -1.01
N LEU A 309 -4.17 10.58 -2.27
CA LEU A 309 -4.65 11.93 -2.63
C LEU A 309 -5.89 12.34 -1.83
N ALA A 310 -6.91 11.46 -1.77
CA ALA A 310 -8.11 11.79 -1.03
C ALA A 310 -7.81 12.06 0.44
N GLY A 311 -6.91 11.27 1.03
CA GLY A 311 -6.59 11.46 2.46
C GLY A 311 -6.01 12.86 2.70
N TYR A 312 -5.14 13.29 1.83
CA TYR A 312 -4.56 14.63 1.90
C TYR A 312 -5.62 15.71 1.82
N HIS A 313 -6.50 15.58 0.84
CA HIS A 313 -7.57 16.56 0.70
C HIS A 313 -8.51 16.57 1.88
N CYS A 314 -8.76 15.38 2.43
CA CYS A 314 -9.54 15.19 3.62
C CYS A 314 -8.93 15.89 4.81
N ARG A 315 -7.65 15.62 5.07
CA ARG A 315 -6.98 16.31 6.18
C ARG A 315 -7.00 17.83 6.00
N ASN A 316 -6.88 18.32 4.78
CA ASN A 316 -6.90 19.74 4.51
C ASN A 316 -8.32 20.31 4.30
N ARG A 317 -9.34 19.51 4.51
CA ARG A 317 -10.77 19.91 4.28
C ARG A 317 -11.03 20.54 2.93
N ASN A 318 -10.42 19.92 1.93
CA ASN A 318 -10.74 20.21 0.56
C ASN A 318 -11.84 19.16 0.21
N VAL A 319 -13.09 19.39 0.62
CA VAL A 319 -14.17 18.38 0.43
C VAL A 319 -14.40 18.00 -1.01
N ARG A 320 -14.48 19.00 -1.90
CA ARG A 320 -14.68 18.75 -3.31
C ARG A 320 -13.62 17.79 -3.85
N GLU A 321 -12.35 18.12 -3.54
N GLU A 321 -12.36 18.12 -3.55
CA GLU A 321 -11.22 17.39 -4.08
CA GLU A 321 -11.24 17.38 -4.11
C GLU A 321 -11.09 16.00 -3.45
C GLU A 321 -11.07 16.00 -3.45
N ALA A 322 -11.47 15.87 -2.17
CA ALA A 322 -11.51 14.55 -1.48
C ALA A 322 -12.55 13.62 -2.10
N LEU A 323 -13.75 14.15 -2.30
CA LEU A 323 -14.79 13.41 -2.98
C LEU A 323 -14.42 13.01 -4.37
N GLN A 324 -13.79 13.90 -5.13
CA GLN A 324 -13.39 13.54 -6.46
C GLN A 324 -12.41 12.39 -6.43
N ALA A 325 -11.44 12.47 -5.52
CA ALA A 325 -10.43 11.44 -5.40
C ALA A 325 -11.04 10.09 -4.94
N TRP A 326 -11.95 10.13 -3.98
CA TRP A 326 -12.66 8.92 -3.61
C TRP A 326 -13.48 8.36 -4.77
N ALA A 327 -14.13 9.23 -5.54
CA ALA A 327 -14.90 8.75 -6.71
C ALA A 327 -13.98 8.07 -7.69
N ASP A 328 -12.79 8.63 -7.84
CA ASP A 328 -11.75 8.03 -8.65
C ASP A 328 -11.27 6.67 -8.14
N THR A 329 -11.15 6.47 -6.83
N THR A 329 -11.19 6.53 -6.82
CA THR A 329 -10.81 5.17 -6.29
CA THR A 329 -10.84 5.26 -6.20
C THR A 329 -11.90 4.14 -6.60
C THR A 329 -11.88 4.19 -6.55
N ALA A 330 -13.16 4.57 -6.53
CA ALA A 330 -14.27 3.68 -6.90
C ALA A 330 -14.29 3.30 -8.37
N THR A 331 -13.89 4.24 -9.22
CA THR A 331 -13.80 4.02 -10.66
C THR A 331 -12.74 2.99 -11.01
N VAL A 332 -11.68 2.91 -10.18
CA VAL A 332 -10.76 1.78 -10.24
C VAL A 332 -11.33 0.44 -9.74
N ILE A 333 -11.91 0.43 -8.54
CA ILE A 333 -12.36 -0.80 -7.93
C ILE A 333 -13.51 -1.42 -8.72
N GLN A 334 -14.23 -0.62 -9.50
CA GLN A 334 -15.43 -1.15 -10.17
C GLN A 334 -15.14 -2.29 -11.17
N ASP A 335 -13.95 -2.32 -11.73
CA ASP A 335 -13.55 -3.38 -12.66
C ASP A 335 -12.83 -4.58 -12.03
N TYR A 336 -12.96 -4.74 -10.72
CA TYR A 336 -12.50 -5.93 -10.01
C TYR A 336 -13.70 -6.70 -9.55
N ASN A 337 -13.44 -7.95 -9.16
CA ASN A 337 -14.40 -8.78 -8.43
C ASN A 337 -13.98 -8.80 -6.99
N TYR A 338 -14.94 -8.62 -6.08
CA TYR A 338 -14.66 -8.66 -4.67
C TYR A 338 -14.48 -10.12 -4.28
N CYS A 339 -13.26 -10.47 -3.90
CA CYS A 339 -12.91 -11.79 -3.49
C CYS A 339 -12.46 -11.99 -2.00
N ARG A 340 -12.59 -13.22 -1.55
CA ARG A 340 -12.11 -13.58 -0.25
C ARG A 340 -10.65 -13.21 -0.32
N GLU A 341 -10.13 -12.53 0.71
CA GLU A 341 -8.75 -12.07 0.75
C GLU A 341 -8.58 -10.61 0.33
N ASP A 342 -9.60 -9.98 -0.24
CA ASP A 342 -9.60 -8.55 -0.51
C ASP A 342 -10.12 -7.73 0.67
N GLU A 343 -10.24 -8.33 1.84
CA GLU A 343 -10.89 -7.66 2.98
C GLU A 343 -10.26 -6.33 3.36
N GLU A 344 -8.97 -6.13 3.20
CA GLU A 344 -8.38 -4.85 3.58
C GLU A 344 -8.96 -3.68 2.79
N ILE A 345 -9.21 -3.87 1.50
CA ILE A 345 -9.77 -2.73 0.70
C ILE A 345 -11.25 -2.52 0.96
N TYR A 346 -11.98 -3.62 1.24
CA TYR A 346 -13.34 -3.50 1.70
C TYR A 346 -13.35 -2.67 2.97
N LYS A 347 -12.42 -2.92 3.91
CA LYS A 347 -12.42 -2.15 5.16
C LYS A 347 -12.14 -0.68 4.91
N GLU A 348 -11.26 -0.39 3.98
CA GLU A 348 -10.97 1.03 3.67
C GLU A 348 -12.17 1.74 3.01
N PHE A 349 -12.80 1.09 2.05
CA PHE A 349 -14.02 1.62 1.44
C PHE A 349 -15.11 1.80 2.47
N PHE A 350 -15.28 0.83 3.37
CA PHE A 350 -16.30 0.94 4.41
C PHE A 350 -16.11 2.19 5.29
N GLU A 351 -14.88 2.41 5.74
CA GLU A 351 -14.49 3.52 6.60
C GLU A 351 -14.75 4.86 5.89
N VAL A 352 -14.46 4.93 4.60
CA VAL A 352 -14.62 6.16 3.82
C VAL A 352 -16.09 6.44 3.71
N ALA A 353 -16.85 5.45 3.28
CA ALA A 353 -18.30 5.62 3.12
C ALA A 353 -19.03 5.87 4.42
N ASN A 354 -18.65 5.15 5.49
CA ASN A 354 -19.52 5.09 6.65
C ASN A 354 -18.99 5.82 7.85
N ASP A 355 -17.84 6.44 7.72
CA ASP A 355 -17.26 7.20 8.84
C ASP A 355 -16.69 8.53 8.34
N VAL A 356 -15.80 8.45 7.36
CA VAL A 356 -15.03 9.65 6.94
C VAL A 356 -15.87 10.65 6.19
N ILE A 357 -16.55 10.16 5.14
CA ILE A 357 -17.44 11.03 4.41
C ILE A 357 -18.56 11.62 5.35
N PRO A 358 -19.22 10.81 6.18
CA PRO A 358 -20.25 11.41 7.02
C PRO A 358 -19.72 12.49 7.93
N ASN A 359 -18.52 12.27 8.46
CA ASN A 359 -17.93 13.28 9.36
C ASN A 359 -17.57 14.57 8.63
N LEU A 360 -17.00 14.45 7.42
CA LEU A 360 -16.76 15.63 6.55
C LEU A 360 -18.03 16.38 6.18
N LEU A 361 -19.10 15.64 5.87
CA LEU A 361 -20.34 16.35 5.44
C LEU A 361 -21.05 16.95 6.61
N LYS A 362 -20.91 16.35 7.79
CA LYS A 362 -21.51 16.88 9.00
C LYS A 362 -20.86 18.23 9.34
N GLU A 363 -19.54 18.29 9.27
CA GLU A 363 -18.84 19.58 9.47
C GLU A 363 -19.22 20.62 8.39
N ALA A 364 -19.20 20.19 7.11
CA ALA A 364 -19.64 21.03 6.00
C ALA A 364 -21.04 21.59 6.28
N ALA A 365 -21.95 20.80 6.81
CA ALA A 365 -23.30 21.29 7.06
C ALA A 365 -23.31 22.39 8.17
N SER A 366 -22.60 22.17 9.26
CA SER A 366 -22.39 23.24 10.27
C SER A 366 -21.77 24.51 9.69
N LEU A 367 -20.77 24.37 8.82
CA LEU A 367 -20.09 25.53 8.19
C LEU A 367 -21.04 26.22 7.22
N LEU A 368 -21.90 25.44 6.55
CA LEU A 368 -22.93 25.99 5.70
C LEU A 368 -23.92 26.84 6.51
N GLU A 369 -24.40 26.30 7.64
CA GLU A 369 -25.27 27.05 8.55
C GLU A 369 -24.59 28.38 9.01
N ALA A 370 -23.29 28.37 9.13
CA ALA A 370 -22.52 29.52 9.49
C ALA A 370 -22.21 30.47 8.34
N GLY A 371 -22.70 30.16 7.16
CA GLY A 371 -22.49 31.00 6.02
C GLY A 371 -21.35 30.75 5.07
N SER A 372 -20.76 29.58 5.03
CA SER A 372 -19.70 29.42 4.07
C SER A 372 -20.22 29.62 2.64
N GLN A 373 -19.31 30.03 1.78
CA GLN A 373 -19.52 30.19 0.35
C GLN A 373 -18.67 29.14 -0.32
N GLY A 374 -19.10 28.74 -1.51
CA GLY A 374 -18.45 27.72 -2.30
C GLY A 374 -18.43 26.36 -1.61
N SER A 375 -19.30 26.16 -0.62
CA SER A 375 -19.44 24.88 0.09
C SER A 375 -19.63 23.68 -0.84
N ALA A 376 -18.97 22.55 -0.54
CA ALA A 376 -19.24 21.33 -1.29
C ALA A 376 -20.76 21.04 -1.33
N LEU A 377 -21.49 21.32 -0.25
CA LEU A 377 -22.90 20.91 -0.16
C LEU A 377 -23.79 21.76 -1.10
N GLN A 378 -23.26 22.86 -1.60
CA GLN A 378 -23.92 23.61 -2.62
C GLN A 378 -23.39 23.39 -4.01
N ASP A 379 -22.50 22.40 -4.18
CA ASP A 379 -21.88 22.21 -5.46
C ASP A 379 -22.38 20.90 -6.04
N PRO A 380 -23.19 20.98 -7.10
CA PRO A 380 -23.64 19.76 -7.77
C PRO A 380 -22.51 18.84 -8.22
N GLU A 381 -21.33 19.35 -8.56
CA GLU A 381 -20.24 18.46 -8.97
C GLU A 381 -19.78 17.60 -7.77
N CYS A 382 -19.83 18.14 -6.56
CA CYS A 382 -19.56 17.35 -5.33
C CYS A 382 -20.59 16.26 -5.11
N PHE A 383 -21.86 16.58 -5.36
CA PHE A 383 -22.91 15.56 -5.27
C PHE A 383 -22.64 14.50 -6.31
N ALA A 384 -22.30 14.88 -7.53
CA ALA A 384 -21.85 13.92 -8.59
C ALA A 384 -20.72 12.98 -8.15
N HIS A 385 -19.73 13.52 -7.46
CA HIS A 385 -18.62 12.73 -6.98
C HIS A 385 -19.10 11.69 -6.01
N LEU A 386 -19.95 12.10 -5.08
CA LEU A 386 -20.52 11.22 -4.09
C LEU A 386 -21.23 10.05 -4.80
N LEU A 387 -22.06 10.40 -5.81
CA LEU A 387 -22.81 9.39 -6.54
C LEU A 387 -21.84 8.47 -7.35
N ARG A 388 -20.77 9.03 -7.90
CA ARG A 388 -19.83 8.20 -8.66
C ARG A 388 -19.09 7.24 -7.74
N PHE A 389 -18.81 7.66 -6.52
CA PHE A 389 -18.24 6.80 -5.50
C PHE A 389 -19.10 5.58 -5.23
N TYR A 390 -20.38 5.79 -4.97
CA TYR A 390 -21.25 4.69 -4.72
C TYR A 390 -21.47 3.82 -5.95
N ASP A 391 -21.51 4.43 -7.12
CA ASP A 391 -21.63 3.67 -8.38
C ASP A 391 -20.49 2.68 -8.54
N GLY A 392 -19.25 3.10 -8.29
CA GLY A 392 -18.11 2.16 -8.47
C GLY A 392 -18.18 1.00 -7.46
N ILE A 393 -18.61 1.29 -6.25
CA ILE A 393 -18.75 0.28 -5.21
C ILE A 393 -19.85 -0.73 -5.65
N CYS A 394 -20.96 -0.23 -6.14
CA CYS A 394 -22.00 -1.10 -6.66
C CYS A 394 -21.56 -1.94 -7.84
N LYS A 395 -20.79 -1.35 -8.76
CA LYS A 395 -20.33 -2.07 -9.93
C LYS A 395 -19.32 -3.13 -9.51
N TRP A 396 -18.47 -2.78 -8.56
CA TRP A 396 -17.48 -3.74 -7.99
C TRP A 396 -18.19 -4.98 -7.53
N GLU A 397 -19.30 -4.79 -6.86
CA GLU A 397 -20.04 -5.87 -6.33
C GLU A 397 -20.63 -6.79 -7.42
N GLU A 398 -20.98 -6.24 -8.57
CA GLU A 398 -21.55 -7.05 -9.69
C GLU A 398 -20.59 -8.16 -10.16
N GLY A 399 -21.11 -9.38 -10.13
CA GLY A 399 -20.32 -10.53 -10.58
C GLY A 399 -19.29 -11.02 -9.57
N SER A 400 -19.26 -10.39 -8.39
CA SER A 400 -18.38 -10.86 -7.35
C SER A 400 -18.95 -12.09 -6.65
N PRO A 401 -18.04 -12.96 -6.20
CA PRO A 401 -18.54 -14.20 -5.56
C PRO A 401 -19.04 -13.98 -4.13
N THR A 402 -18.66 -12.86 -3.49
CA THR A 402 -19.31 -12.39 -2.27
C THR A 402 -19.82 -10.95 -2.49
N PRO A 403 -20.97 -10.59 -1.87
CA PRO A 403 -21.50 -9.22 -1.91
C PRO A 403 -20.67 -8.21 -1.13
N VAL A 404 -20.93 -6.93 -1.36
CA VAL A 404 -20.23 -5.85 -0.72
C VAL A 404 -21.20 -5.07 0.16
N LEU A 405 -22.36 -4.69 -0.38
CA LEU A 405 -23.26 -3.79 0.27
C LEU A 405 -24.20 -4.50 1.19
N HIS A 406 -24.63 -3.82 2.22
CA HIS A 406 -25.67 -4.28 3.11
C HIS A 406 -26.36 -3.08 3.78
N VAL A 407 -27.34 -3.36 4.63
CA VAL A 407 -28.15 -2.25 5.10
C VAL A 407 -27.38 -1.23 5.97
N GLY A 408 -26.27 -1.66 6.55
CA GLY A 408 -25.37 -0.74 7.31
C GLY A 408 -24.84 0.36 6.44
N TRP A 409 -24.55 0.03 5.19
CA TRP A 409 -24.15 1.04 4.21
C TRP A 409 -25.32 1.95 3.82
N ALA A 410 -26.53 1.41 3.77
CA ALA A 410 -27.68 2.17 3.33
C ALA A 410 -28.00 3.33 4.25
N THR A 411 -27.84 3.17 5.55
CA THR A 411 -28.13 4.25 6.47
C THR A 411 -27.28 5.50 6.23
N PHE A 412 -26.00 5.26 6.00
CA PHE A 412 -25.07 6.34 5.76
C PHE A 412 -25.29 6.95 4.42
N LEU A 413 -25.65 6.11 3.42
CA LEU A 413 -25.96 6.68 2.11
C LEU A 413 -27.11 7.67 2.23
N VAL A 414 -28.21 7.27 2.88
CA VAL A 414 -29.37 8.16 3.01
C VAL A 414 -28.96 9.45 3.73
N GLN A 415 -28.08 9.30 4.72
CA GLN A 415 -27.70 10.46 5.51
C GLN A 415 -26.83 11.39 4.64
N SER A 416 -25.88 10.82 3.89
CA SER A 416 -24.97 11.61 3.05
C SER A 416 -25.76 12.34 1.92
N LEU A 417 -26.68 11.64 1.25
CA LEU A 417 -27.57 12.27 0.28
C LEU A 417 -28.35 13.46 0.84
N GLY A 418 -28.90 13.30 2.03
CA GLY A 418 -29.70 14.34 2.70
C GLY A 418 -28.93 15.58 3.09
N ARG A 419 -27.60 15.50 3.11
CA ARG A 419 -26.77 16.67 3.40
C ARG A 419 -26.80 17.72 2.27
N PHE A 420 -27.16 17.28 1.07
CA PHE A 420 -27.38 18.16 -0.06
C PHE A 420 -28.85 18.45 -0.25
N GLU A 421 -29.19 19.74 -0.37
CA GLU A 421 -30.58 20.14 -0.62
C GLU A 421 -31.00 19.60 -2.00
N GLY A 422 -32.30 19.39 -2.20
CA GLY A 422 -32.84 18.96 -3.48
C GLY A 422 -32.47 19.86 -4.64
N GLN A 423 -32.42 21.18 -4.41
CA GLN A 423 -32.10 22.09 -5.50
C GLN A 423 -30.68 21.95 -5.98
N VAL A 424 -29.80 21.39 -5.15
CA VAL A 424 -28.45 21.06 -5.57
C VAL A 424 -28.42 19.70 -6.25
N ARG A 425 -29.08 18.72 -5.66
CA ARG A 425 -29.12 17.37 -6.21
C ARG A 425 -29.74 17.30 -7.61
N GLN A 426 -30.78 18.11 -7.82
CA GLN A 426 -31.49 18.16 -9.08
C GLN A 426 -30.65 18.66 -10.22
N LYS A 427 -29.57 19.40 -9.95
CA LYS A 427 -28.71 19.88 -11.00
C LYS A 427 -27.80 18.83 -11.63
N VAL A 428 -27.68 17.63 -11.05
CA VAL A 428 -26.79 16.63 -11.62
C VAL A 428 -27.55 15.94 -12.72
N ARG A 429 -26.98 15.89 -13.91
CA ARG A 429 -27.63 15.20 -15.03
C ARG A 429 -27.09 13.79 -15.15
N ILE A 430 -27.96 12.80 -15.02
CA ILE A 430 -27.56 11.41 -15.04
C ILE A 430 -27.96 10.95 -16.44
N VAL A 431 -26.95 10.71 -17.24
CA VAL A 431 -27.11 10.30 -18.61
C VAL A 431 -26.76 8.85 -18.81
N SER A 432 -27.54 8.22 -19.65
CA SER A 432 -27.56 6.80 -19.77
C SER A 432 -26.56 6.17 -20.73
N PRO A 445 -22.91 19.68 -14.52
CA PRO A 445 -22.44 18.38 -14.05
C PRO A 445 -23.21 17.24 -14.67
N VAL A 446 -22.47 16.25 -15.16
CA VAL A 446 -23.07 15.17 -15.87
C VAL A 446 -22.38 13.88 -15.46
N LEU A 447 -23.18 12.84 -15.29
CA LEU A 447 -22.67 11.59 -14.76
C LEU A 447 -23.33 10.44 -15.47
N THR A 448 -22.53 9.39 -15.77
CA THR A 448 -23.06 8.15 -16.28
C THR A 448 -22.86 7.06 -15.23
N PHE A 449 -23.90 6.30 -14.93
CA PHE A 449 -23.78 5.23 -13.99
C PHE A 449 -23.42 3.96 -14.72
N GLN A 450 -22.54 3.18 -14.14
CA GLN A 450 -22.16 1.86 -14.65
C GLN A 450 -22.89 0.73 -13.94
N SER A 451 -23.31 0.96 -12.69
CA SER A 451 -23.92 -0.08 -11.89
C SER A 451 -25.43 -0.12 -12.09
N GLU A 452 -26.02 -1.31 -12.11
CA GLU A 452 -27.48 -1.37 -12.20
C GLU A 452 -28.13 -0.81 -10.90
N LYS A 453 -27.49 -0.99 -9.76
CA LYS A 453 -28.07 -0.43 -8.54
C LYS A 453 -28.28 1.08 -8.62
N MET A 454 -27.25 1.82 -9.03
CA MET A 454 -27.41 3.25 -9.07
C MET A 454 -28.32 3.67 -10.22
N LYS A 455 -28.28 2.98 -11.36
CA LYS A 455 -29.23 3.33 -12.44
C LYS A 455 -30.69 3.30 -11.94
N GLY A 456 -31.01 2.28 -11.17
CA GLY A 456 -32.36 2.16 -10.63
C GLY A 456 -32.67 3.18 -9.53
N MET A 457 -31.65 3.83 -8.99
N MET A 457 -31.61 3.78 -8.98
CA MET A 457 -31.83 4.76 -7.90
CA MET A 457 -31.68 4.77 -7.91
C MET A 457 -31.97 6.19 -8.41
C MET A 457 -31.98 6.18 -8.41
N LYS A 458 -31.76 6.40 -9.71
CA LYS A 458 -31.65 7.74 -10.27
C LYS A 458 -32.82 8.68 -9.91
N GLU A 459 -34.05 8.21 -10.02
CA GLU A 459 -35.18 9.10 -9.72
C GLU A 459 -35.30 9.39 -8.22
N LEU A 460 -34.93 8.44 -7.39
CA LEU A 460 -34.94 8.71 -5.96
C LEU A 460 -33.92 9.76 -5.53
N LEU A 461 -32.85 9.92 -6.28
CA LEU A 461 -31.70 10.69 -5.81
C LEU A 461 -31.95 12.18 -5.92
N VAL A 462 -32.86 12.54 -6.79
CA VAL A 462 -33.06 13.94 -7.16
C VAL A 462 -34.39 14.47 -6.65
N ALA A 463 -35.02 13.73 -5.74
CA ALA A 463 -36.29 14.13 -5.13
C ALA A 463 -36.14 14.98 -3.87
N THR A 464 -37.08 15.92 -3.69
CA THR A 464 -37.01 16.91 -2.60
C THR A 464 -36.84 16.26 -1.26
N LYS A 465 -37.69 15.26 -1.03
CA LYS A 465 -37.70 14.49 0.19
C LYS A 465 -37.04 13.16 -0.18
N ILE A 466 -35.94 12.81 0.48
CA ILE A 466 -35.28 11.55 0.21
C ILE A 466 -36.13 10.35 0.70
N ASN A 467 -36.57 9.47 -0.21
CA ASN A 467 -37.29 8.29 0.26
C ASN A 467 -36.33 7.24 0.78
N SER A 468 -36.15 7.27 2.10
CA SER A 468 -35.20 6.46 2.80
C SER A 468 -35.38 4.93 2.64
N SER A 469 -36.62 4.46 2.82
CA SER A 469 -36.87 3.01 2.67
C SER A 469 -36.61 2.57 1.25
N ALA A 470 -36.97 3.38 0.25
CA ALA A 470 -36.85 2.96 -1.16
C ALA A 470 -35.34 2.90 -1.52
N ILE A 471 -34.57 3.87 -1.00
CA ILE A 471 -33.10 3.86 -1.15
C ILE A 471 -32.48 2.61 -0.59
N LYS A 472 -32.85 2.25 0.65
CA LYS A 472 -32.36 1.03 1.25
C LYS A 472 -32.66 -0.19 0.45
N LEU A 473 -33.90 -0.28 -0.02
CA LEU A 473 -34.27 -1.44 -0.82
C LEU A 473 -33.43 -1.54 -2.10
N GLN A 474 -33.21 -0.40 -2.73
CA GLN A 474 -32.43 -0.40 -3.97
C GLN A 474 -30.93 -0.72 -3.76
N LEU A 475 -30.34 -0.25 -2.66
CA LEU A 475 -28.91 -0.42 -2.42
C LEU A 475 -28.65 -1.84 -2.00
N THR A 476 -29.59 -2.49 -1.28
CA THR A 476 -29.25 -3.80 -0.74
C THR A 476 -29.95 -4.91 -1.47
N ALA A 477 -30.81 -4.51 -2.40
CA ALA A 477 -31.70 -5.35 -3.17
C ALA A 477 -32.55 -6.26 -2.27
N GLN A 478 -32.97 -5.69 -1.12
CA GLN A 478 -33.84 -6.35 -0.18
C GLN A 478 -35.15 -6.40 -0.95
N SER A 479 -35.76 -7.57 -0.96
CA SER A 479 -36.92 -7.81 -1.82
C SER A 479 -38.18 -7.22 -1.17
N GLN A 480 -38.24 -7.36 0.16
CA GLN A 480 -39.48 -7.22 0.93
C GLN A 480 -39.35 -6.27 2.11
N VAL A 481 -40.48 -5.65 2.45
CA VAL A 481 -40.62 -4.88 3.71
C VAL A 481 -41.37 -5.67 4.79
N GLN A 482 -41.35 -5.14 6.01
CA GLN A 482 -41.85 -5.82 7.23
C GLN A 482 -43.29 -6.30 7.07
N MET A 483 -43.54 -7.56 7.41
CA MET A 483 -44.86 -8.19 7.26
C MET A 483 -45.94 -7.39 7.98
N LYS A 484 -45.90 -7.34 9.30
CA LYS A 484 -46.89 -6.63 10.12
C LYS A 484 -46.78 -5.08 10.07
#